data_1ELV
#
_entry.id   1ELV
#
_cell.length_a   39.080
_cell.length_b   79.650
_cell.length_c   60.210
_cell.angle_alpha   90.00
_cell.angle_beta   91.24
_cell.angle_gamma   90.00
#
_symmetry.space_group_name_H-M   'P 1 21 1'
#
loop_
_entity.id
_entity.type
_entity.pdbx_description
1 polymer 'COMPLEMENT C1S COMPONENT'
2 branched 2-acetamido-2-deoxy-beta-D-glucopyranose-(1-4)-[alpha-L-fucopyranose-(1-6)]2-acetamido-2-deoxy-beta-D-glucopyranose
3 non-polymer 'SULFATE ION'
4 non-polymer '2-(2-HYDROXY-1,1-DIHYDROXYMETHYL-ETHYLAMINO)-ETHANESULFONIC ACID'
5 water water
#
_entity_poly.entity_id   1
_entity_poly.type   'polypeptide(L)'
_entity_poly.pdbx_seq_one_letter_code
;DLDCGIPESIENGKVEDPESTLFGSVIRYTCEEPYYYMENGGGGEYHCAGNGSWVNEVLGPELPKCVPVCGVPREPFEEK
QRIIGGSDADIKNFPWQVFFDNPWAGGALINEYWVLTAAHVVEGNREPTMYVGSTSVQTSRLAKSKMLTPEHVFIHPGWK
LLAVPEGRTNFDNDIALVRLKDPVKMGPTVSPICLPGTSSDYNLMDGDLGLISGWGRTEKRDRAVRLKAARLPVAPLRKC
KEVKVEKPTADAEAYVFTPNMICAGGEKGMDSCKGDSGGAFAVQDPNDKTKFYAAGLVSWGPQCGTYGLYTRVKNYVDWI
MKTMQENSTPRED
;
_entity_poly.pdbx_strand_id   A
#
# COMPACT_ATOMS: atom_id res chain seq x y z
N LEU A 2 -43.00 11.12 -14.32
CA LEU A 2 -42.47 12.50 -14.24
C LEU A 2 -41.68 12.76 -12.97
N ASP A 3 -41.66 11.83 -12.04
CA ASP A 3 -40.87 11.97 -10.82
C ASP A 3 -39.85 10.82 -10.82
N CYS A 4 -38.56 11.17 -10.80
CA CYS A 4 -37.49 10.20 -10.78
C CYS A 4 -37.20 9.73 -9.36
N GLY A 5 -37.71 10.45 -8.37
CA GLY A 5 -37.54 10.11 -6.97
C GLY A 5 -36.20 10.57 -6.43
N ILE A 6 -36.06 10.51 -5.09
CA ILE A 6 -34.79 10.89 -4.49
C ILE A 6 -33.76 9.88 -4.98
N PRO A 7 -32.59 10.33 -5.43
CA PRO A 7 -31.59 9.44 -5.95
C PRO A 7 -30.96 8.57 -4.88
N GLU A 8 -30.54 7.40 -5.29
CA GLU A 8 -29.88 6.46 -4.38
C GLU A 8 -28.49 6.95 -4.10
N SER A 9 -28.00 6.71 -2.88
CA SER A 9 -26.65 7.16 -2.58
C SER A 9 -25.66 6.09 -3.06
N ILE A 10 -24.39 6.43 -2.98
CA ILE A 10 -23.35 5.50 -3.40
C ILE A 10 -22.34 5.35 -2.25
N GLU A 11 -21.62 4.25 -2.25
CA GLU A 11 -20.64 4.11 -1.17
C GLU A 11 -19.49 5.07 -1.41
N ASN A 12 -18.99 5.70 -0.36
CA ASN A 12 -17.87 6.59 -0.39
C ASN A 12 -18.04 7.85 -1.22
N GLY A 13 -19.30 8.25 -1.34
CA GLY A 13 -19.63 9.45 -2.09
C GLY A 13 -21.01 9.89 -1.64
N LYS A 14 -21.49 10.98 -2.22
CA LYS A 14 -22.83 11.40 -1.81
C LYS A 14 -23.51 12.04 -3.02
N VAL A 15 -24.80 12.22 -2.85
CA VAL A 15 -25.53 12.92 -3.92
C VAL A 15 -25.89 14.26 -3.28
N GLU A 16 -25.63 15.36 -3.98
CA GLU A 16 -25.94 16.67 -3.42
C GLU A 16 -27.45 16.74 -3.21
N ASP A 17 -27.92 17.49 -2.21
CA ASP A 17 -29.38 17.54 -2.00
C ASP A 17 -30.03 18.05 -3.28
N PRO A 18 -30.94 17.27 -3.84
CA PRO A 18 -31.58 17.63 -5.07
C PRO A 18 -32.52 18.80 -4.93
N GLU A 19 -32.44 19.73 -5.87
CA GLU A 19 -33.35 20.88 -5.84
C GLU A 19 -34.74 20.37 -6.22
N SER A 20 -34.76 19.39 -7.09
CA SER A 20 -36.00 18.79 -7.56
C SER A 20 -35.73 17.38 -8.01
N THR A 21 -36.73 16.51 -8.04
CA THR A 21 -36.59 15.15 -8.50
C THR A 21 -37.47 14.89 -9.72
N LEU A 22 -37.99 15.99 -10.29
CA LEU A 22 -38.89 15.87 -11.41
C LEU A 22 -38.19 16.00 -12.76
N PHE A 23 -38.91 15.66 -13.82
CA PHE A 23 -38.37 15.69 -15.17
C PHE A 23 -37.54 16.93 -15.45
N GLY A 24 -36.33 16.74 -15.96
CA GLY A 24 -35.44 17.82 -16.34
C GLY A 24 -34.56 18.35 -15.24
N SER A 25 -34.77 17.84 -14.02
CA SER A 25 -33.92 18.25 -12.91
C SER A 25 -32.55 17.58 -13.07
N VAL A 26 -31.55 18.14 -12.41
CA VAL A 26 -30.23 17.55 -12.46
C VAL A 26 -29.72 17.34 -11.03
N ILE A 27 -28.92 16.28 -10.90
CA ILE A 27 -28.33 16.01 -9.58
C ILE A 27 -26.87 15.71 -9.86
N ARG A 28 -26.07 15.81 -8.80
CA ARG A 28 -24.65 15.53 -9.03
C ARG A 28 -24.14 14.66 -7.88
N TYR A 29 -23.39 13.64 -8.29
CA TYR A 29 -22.77 12.77 -7.29
C TYR A 29 -21.36 13.28 -7.08
N THR A 30 -20.90 13.24 -5.85
CA THR A 30 -19.53 13.71 -5.58
C THR A 30 -18.86 12.60 -4.74
N CYS A 31 -17.60 12.37 -4.96
CA CYS A 31 -16.95 11.31 -4.16
C CYS A 31 -16.44 11.94 -2.89
N GLU A 32 -16.14 11.17 -1.87
CA GLU A 32 -15.64 11.74 -0.62
C GLU A 32 -14.18 12.15 -0.75
N GLU A 33 -13.93 13.39 -1.15
CA GLU A 33 -12.58 13.89 -1.32
C GLU A 33 -11.98 14.30 0.02
N PRO A 34 -10.66 14.24 0.10
CA PRO A 34 -9.78 13.85 -0.96
C PRO A 34 -9.40 12.38 -0.97
N TYR A 35 -10.11 11.54 -0.23
CA TYR A 35 -9.80 10.12 -0.15
C TYR A 35 -10.23 9.28 -1.30
N TYR A 36 -11.28 9.72 -2.02
CA TYR A 36 -11.79 8.94 -3.13
C TYR A 36 -11.97 9.83 -4.36
N TYR A 37 -12.02 9.22 -5.53
CA TYR A 37 -12.25 9.97 -6.76
C TYR A 37 -13.23 9.15 -7.59
N MET A 38 -13.88 9.80 -8.55
CA MET A 38 -14.84 9.10 -9.37
C MET A 38 -14.22 8.32 -10.52
N GLU A 39 -14.54 7.03 -10.57
CA GLU A 39 -14.00 6.15 -11.60
C GLU A 39 -14.55 6.51 -12.98
N GLY A 42 -17.65 10.50 -16.75
CA GLY A 42 -18.81 11.21 -16.21
C GLY A 42 -18.57 12.70 -15.93
N GLY A 43 -18.71 13.05 -14.69
CA GLY A 43 -18.64 14.37 -14.09
C GLY A 43 -19.64 14.27 -12.90
N GLY A 44 -20.28 13.10 -12.90
CA GLY A 44 -21.24 12.70 -11.92
C GLY A 44 -22.61 13.35 -12.04
N GLU A 45 -22.88 13.99 -13.17
CA GLU A 45 -24.18 14.66 -13.31
C GLU A 45 -25.19 13.78 -14.01
N TYR A 46 -26.40 13.73 -13.47
CA TYR A 46 -27.48 12.95 -13.97
C TYR A 46 -28.70 13.89 -14.16
N HIS A 47 -29.47 13.63 -15.21
CA HIS A 47 -30.69 14.41 -15.36
C HIS A 47 -31.88 13.44 -15.21
N CYS A 48 -33.03 13.98 -14.81
CA CYS A 48 -34.22 13.14 -14.65
C CYS A 48 -34.86 13.02 -16.04
N ALA A 49 -34.79 11.84 -16.60
CA ALA A 49 -35.23 11.58 -17.95
C ALA A 49 -36.71 11.28 -18.03
N GLY A 50 -37.23 11.34 -19.25
CA GLY A 50 -38.62 11.09 -19.52
C GLY A 50 -39.05 9.66 -19.27
N ASN A 51 -38.13 8.71 -19.10
CA ASN A 51 -38.52 7.33 -18.82
C ASN A 51 -38.48 7.07 -17.32
N GLY A 52 -38.24 8.12 -16.52
CA GLY A 52 -38.25 8.02 -15.09
C GLY A 52 -36.94 7.65 -14.45
N SER A 53 -35.89 7.50 -15.24
CA SER A 53 -34.59 7.18 -14.64
C SER A 53 -33.71 8.43 -14.56
N TRP A 54 -32.84 8.41 -13.55
CA TRP A 54 -31.79 9.45 -13.47
C TRP A 54 -30.71 8.90 -14.42
N VAL A 55 -30.29 9.68 -15.41
CA VAL A 55 -29.37 9.21 -16.43
C VAL A 55 -28.16 10.11 -16.61
N ASN A 56 -27.02 9.46 -16.76
CA ASN A 56 -25.74 10.12 -16.96
C ASN A 56 -25.22 9.84 -18.37
N GLU A 57 -24.50 10.76 -18.98
CA GLU A 57 -24.04 10.58 -20.34
C GLU A 57 -23.18 9.34 -20.57
N VAL A 58 -22.31 9.03 -19.63
CA VAL A 58 -21.40 7.91 -19.76
C VAL A 58 -21.91 6.64 -19.14
N LEU A 59 -22.56 6.71 -17.99
CA LEU A 59 -23.04 5.52 -17.28
C LEU A 59 -24.47 5.16 -17.49
N GLY A 60 -25.25 6.01 -18.14
CA GLY A 60 -26.68 5.66 -18.28
C GLY A 60 -27.29 5.79 -16.88
N PRO A 61 -28.12 4.84 -16.50
CA PRO A 61 -28.75 4.81 -15.20
C PRO A 61 -27.86 4.24 -14.12
N GLU A 62 -26.73 3.66 -14.49
CA GLU A 62 -25.84 3.10 -13.45
C GLU A 62 -25.25 4.22 -12.60
N LEU A 63 -24.99 3.93 -11.33
CA LEU A 63 -24.41 4.93 -10.44
C LEU A 63 -22.90 4.92 -10.53
N PRO A 64 -22.26 6.02 -10.18
CA PRO A 64 -20.84 6.15 -10.25
C PRO A 64 -20.17 5.29 -9.18
N LYS A 65 -18.90 5.08 -9.40
CA LYS A 65 -18.09 4.28 -8.45
C LYS A 65 -17.00 5.18 -7.90
N CYS A 66 -16.89 5.22 -6.58
CA CYS A 66 -15.85 6.05 -5.96
C CYS A 66 -14.69 5.12 -5.62
N VAL A 67 -13.51 5.47 -6.11
CA VAL A 67 -12.36 4.58 -5.86
C VAL A 67 -11.32 5.34 -5.08
N PRO A 68 -10.54 4.63 -4.26
CA PRO A 68 -9.55 5.28 -3.45
C PRO A 68 -8.47 5.99 -4.24
N VAL A 69 -8.07 7.14 -3.70
CA VAL A 69 -6.95 7.92 -4.22
C VAL A 69 -5.70 7.27 -3.58
N CYS A 70 -4.71 6.99 -4.39
CA CYS A 70 -3.52 6.35 -3.82
C CYS A 70 -2.30 7.23 -3.79
N GLY A 71 -1.44 6.98 -2.80
CA GLY A 71 -0.17 7.58 -2.65
C GLY A 71 -0.02 8.97 -2.10
N VAL A 72 -1.07 9.60 -1.63
CA VAL A 72 -0.97 10.97 -1.12
C VAL A 72 -1.31 11.06 0.37
N PRO A 73 -0.31 11.14 1.21
CA PRO A 73 -0.54 11.24 2.64
C PRO A 73 -1.24 12.57 2.97
N ARG A 74 -2.00 12.56 4.06
CA ARG A 74 -2.71 13.75 4.54
C ARG A 74 -1.73 14.76 5.13
N GLU A 75 -0.64 14.26 5.68
CA GLU A 75 0.40 15.07 6.28
C GLU A 75 1.75 14.50 5.86
N PRO A 76 2.58 15.31 5.23
CA PRO A 76 3.89 14.92 4.77
C PRO A 76 4.82 14.54 5.90
N PHE A 77 5.64 13.53 5.69
CA PHE A 77 6.59 13.13 6.71
C PHE A 77 7.78 14.13 6.63
N ILE A 83 12.83 0.16 12.84
CA ILE A 83 13.61 1.17 12.06
C ILE A 83 14.73 1.71 12.95
N ILE A 84 15.95 1.58 12.48
CA ILE A 84 17.12 2.05 13.18
C ILE A 84 17.44 3.48 12.73
N GLY A 85 17.64 4.39 13.66
CA GLY A 85 17.99 5.76 13.36
C GLY A 85 16.89 6.56 12.73
N GLY A 86 15.63 6.19 12.91
CA GLY A 86 14.55 6.94 12.30
C GLY A 86 13.96 7.89 13.35
N SER A 87 12.83 8.48 13.02
CA SER A 87 12.16 9.38 13.95
C SER A 87 10.69 9.02 14.04
N ASP A 88 10.02 9.59 15.03
CA ASP A 88 8.61 9.35 15.25
C ASP A 88 7.84 9.78 14.00
N ALA A 89 6.93 8.92 13.59
CA ALA A 89 6.09 9.21 12.44
C ALA A 89 4.64 9.03 12.88
N ASP A 90 3.74 9.73 12.22
CA ASP A 90 2.32 9.58 12.57
C ASP A 90 1.74 8.67 11.48
N ILE A 91 0.73 7.90 11.79
CA ILE A 91 0.11 7.06 10.76
C ILE A 91 -0.42 7.94 9.64
N LYS A 92 -0.76 9.20 9.91
CA LYS A 92 -1.20 10.08 8.81
C LYS A 92 -0.09 10.35 7.81
N ASN A 93 1.18 10.16 8.16
CA ASN A 93 2.28 10.34 7.26
C ASN A 93 2.45 9.12 6.35
N PHE A 94 2.02 7.94 6.82
CA PHE A 94 2.14 6.68 6.06
C PHE A 94 0.85 5.91 6.20
N PRO A 95 -0.24 6.45 5.65
CA PRO A 95 -1.55 5.88 5.78
C PRO A 95 -1.78 4.53 5.18
N TRP A 96 -0.88 4.05 4.35
CA TRP A 96 -0.87 2.77 3.70
C TRP A 96 -0.20 1.70 4.58
N GLN A 97 0.39 2.15 5.68
CA GLN A 97 1.07 1.16 6.54
C GLN A 97 0.11 0.24 7.22
N VAL A 98 0.38 -1.06 7.19
CA VAL A 98 -0.43 -2.10 7.80
C VAL A 98 0.46 -2.82 8.83
N PHE A 99 -0.14 -3.16 9.95
CA PHE A 99 0.64 -3.87 10.98
C PHE A 99 0.12 -5.30 11.07
N PHE A 100 1.04 -6.25 11.11
CA PHE A 100 0.70 -7.67 11.29
C PHE A 100 1.19 -7.99 12.73
N ASP A 101 0.34 -8.54 13.57
CA ASP A 101 0.81 -8.80 14.94
C ASP A 101 1.41 -10.17 15.10
N ASN A 102 1.31 -11.08 14.13
CA ASN A 102 1.88 -12.42 14.23
C ASN A 102 2.24 -13.00 12.88
N PRO A 103 3.50 -12.97 12.50
CA PRO A 103 4.57 -12.40 13.29
C PRO A 103 4.57 -10.89 13.18
N TRP A 104 5.26 -10.21 14.06
CA TRP A 104 5.33 -8.73 14.08
C TRP A 104 5.93 -8.24 12.78
N ALA A 105 5.12 -7.50 11.99
CA ALA A 105 5.64 -7.06 10.69
C ALA A 105 4.73 -5.98 10.10
N GLY A 106 5.08 -5.60 8.89
CA GLY A 106 4.22 -4.55 8.27
C GLY A 106 3.76 -5.05 6.91
N GLY A 107 3.10 -4.11 6.23
CA GLY A 107 2.60 -4.38 4.87
C GLY A 107 2.17 -2.99 4.33
N ALA A 108 1.68 -3.03 3.11
CA ALA A 108 1.24 -1.78 2.47
C ALA A 108 -0.10 -1.99 1.79
N LEU A 109 -1.05 -1.16 2.16
CA LEU A 109 -2.39 -1.26 1.53
C LEU A 109 -2.24 -0.77 0.09
N ILE A 110 -2.74 -1.51 -0.88
CA ILE A 110 -2.57 -1.08 -2.28
C ILE A 110 -3.91 -0.76 -2.91
N ASN A 111 -4.96 -1.09 -2.20
CA ASN A 111 -6.31 -0.74 -2.63
C ASN A 111 -7.29 -1.19 -1.58
N GLU A 112 -8.59 -1.01 -1.78
CA GLU A 112 -9.55 -1.38 -0.77
C GLU A 112 -9.58 -2.84 -0.40
N TYR A 113 -9.12 -3.77 -1.22
CA TYR A 113 -9.24 -5.18 -0.86
C TYR A 113 -7.89 -5.89 -0.79
N TRP A 114 -6.78 -5.18 -0.99
CA TRP A 114 -5.51 -5.92 -1.08
C TRP A 114 -4.39 -5.24 -0.32
N VAL A 115 -3.56 -6.08 0.31
CA VAL A 115 -2.40 -5.60 1.06
C VAL A 115 -1.20 -6.35 0.50
N LEU A 116 -0.13 -5.62 0.29
CA LEU A 116 1.12 -6.22 -0.21
C LEU A 116 2.03 -6.40 1.02
N THR A 117 2.72 -7.52 1.08
CA THR A 117 3.66 -7.70 2.22
C THR A 117 4.76 -8.61 1.74
N ALA A 118 5.66 -8.96 2.65
CA ALA A 118 6.74 -9.88 2.29
C ALA A 118 6.22 -11.32 2.43
N ALA A 119 6.66 -12.20 1.54
CA ALA A 119 6.24 -13.61 1.65
C ALA A 119 6.68 -14.21 2.99
N HIS A 120 7.84 -13.80 3.48
CA HIS A 120 8.30 -14.40 4.75
C HIS A 120 7.41 -14.06 5.92
N VAL A 121 6.63 -12.99 5.86
CA VAL A 121 5.72 -12.60 6.90
C VAL A 121 4.50 -13.52 6.94
N VAL A 122 4.03 -13.93 5.77
CA VAL A 122 2.82 -14.74 5.73
C VAL A 122 3.04 -16.19 5.40
N GLU A 123 4.26 -16.62 5.15
CA GLU A 123 4.51 -18.04 4.85
C GLU A 123 3.97 -18.96 5.94
N GLY A 124 4.10 -18.61 7.20
CA GLY A 124 3.62 -19.44 8.29
C GLY A 124 2.35 -18.94 8.94
N ASN A 125 1.68 -18.00 8.28
CA ASN A 125 0.45 -17.45 8.79
C ASN A 125 -0.43 -17.11 7.59
N ARG A 126 -1.21 -18.11 7.19
CA ARG A 126 -2.10 -17.95 6.06
C ARG A 126 -3.41 -17.29 6.38
N GLU A 127 -3.64 -16.84 7.60
CA GLU A 127 -4.85 -16.11 7.99
C GLU A 127 -4.40 -15.01 8.93
N PRO A 128 -3.54 -14.11 8.42
CA PRO A 128 -2.98 -13.07 9.24
C PRO A 128 -3.93 -12.04 9.76
N THR A 129 -3.76 -11.63 11.02
CA THR A 129 -4.58 -10.54 11.54
C THR A 129 -3.80 -9.26 11.18
N MET A 130 -4.47 -8.27 10.65
CA MET A 130 -3.83 -7.04 10.21
C MET A 130 -4.53 -5.83 10.80
N TYR A 131 -3.78 -4.76 11.05
CA TYR A 131 -4.38 -3.57 11.65
C TYR A 131 -3.95 -2.34 10.88
N VAL A 132 -4.86 -1.35 10.78
CA VAL A 132 -4.54 -0.13 10.07
C VAL A 132 -5.12 1.06 10.85
N GLY A 133 -4.64 2.25 10.57
CA GLY A 133 -5.13 3.48 11.09
C GLY A 133 -4.66 4.01 12.40
N SER A 134 -3.68 3.37 13.01
CA SER A 134 -3.19 3.84 14.31
C SER A 134 -1.68 3.99 14.32
N THR A 135 -1.21 5.04 14.97
CA THR A 135 0.24 5.28 15.08
C THR A 135 0.84 4.27 16.05
N SER A 136 0.07 3.90 17.05
CA SER A 136 0.53 2.94 18.05
C SER A 136 -0.02 1.55 17.80
N VAL A 137 0.75 0.50 18.11
CA VAL A 137 0.26 -0.85 17.94
C VAL A 137 -0.45 -1.33 19.20
N GLN A 138 -0.41 -0.55 20.27
CA GLN A 138 -1.03 -0.91 21.53
C GLN A 138 -2.43 -0.34 21.71
N LYS A 146 -8.06 -0.18 13.25
CA LYS A 146 -9.10 -1.05 12.63
C LYS A 146 -8.49 -2.40 12.25
N MET A 147 -9.15 -3.49 12.61
CA MET A 147 -8.67 -4.82 12.29
C MET A 147 -9.21 -5.31 10.96
N LEU A 148 -8.34 -5.77 10.09
CA LEU A 148 -8.74 -6.28 8.78
C LEU A 148 -8.70 -7.80 8.82
N THR A 149 -9.64 -8.45 8.18
CA THR A 149 -9.71 -9.90 8.14
C THR A 149 -9.34 -10.39 6.74
N PRO A 150 -8.44 -11.35 6.65
CA PRO A 150 -8.02 -11.88 5.39
C PRO A 150 -8.99 -12.90 4.82
N GLU A 151 -9.03 -12.94 3.50
CA GLU A 151 -9.80 -13.88 2.74
C GLU A 151 -8.84 -14.98 2.23
N HIS A 152 -7.71 -14.56 1.69
CA HIS A 152 -6.72 -15.51 1.19
C HIS A 152 -5.35 -14.86 1.08
N VAL A 153 -4.31 -15.64 1.28
CA VAL A 153 -2.95 -15.14 1.12
C VAL A 153 -2.32 -15.72 -0.12
N PHE A 154 -1.85 -14.89 -1.06
CA PHE A 154 -1.23 -15.37 -2.27
C PHE A 154 0.29 -15.16 -2.20
N ILE A 155 1.03 -16.27 -2.08
CA ILE A 155 2.49 -16.08 -2.01
C ILE A 155 3.08 -16.22 -3.39
N HIS A 156 4.07 -15.39 -3.71
CA HIS A 156 4.66 -15.50 -5.05
C HIS A 156 5.22 -16.89 -5.25
N PRO A 157 5.02 -17.52 -6.39
CA PRO A 157 5.48 -18.86 -6.67
C PRO A 157 6.96 -19.04 -6.70
N GLY A 158 7.77 -17.99 -6.79
CA GLY A 158 9.21 -18.04 -6.76
C GLY A 158 9.74 -18.01 -5.33
N TRP A 159 8.88 -17.90 -4.33
CA TRP A 159 9.35 -17.88 -2.94
C TRP A 159 9.67 -19.33 -2.51
N LYS A 160 10.88 -19.48 -1.98
CA LYS A 160 11.25 -20.83 -1.52
C LYS A 160 10.64 -21.14 -0.16
N LEU A 161 9.72 -22.10 -0.09
CA LEU A 161 9.15 -22.44 1.22
C LEU A 161 10.15 -23.34 1.92
N LEU A 162 10.30 -23.18 3.23
CA LEU A 162 11.29 -23.99 3.93
C LEU A 162 10.65 -24.74 5.09
N ALA A 163 11.25 -25.88 5.43
CA ALA A 163 10.78 -26.66 6.59
C ALA A 163 11.17 -25.88 7.84
N VAL A 164 12.38 -25.33 7.83
CA VAL A 164 12.88 -24.52 8.93
C VAL A 164 13.17 -23.10 8.47
N PRO A 165 12.19 -22.22 8.56
CA PRO A 165 12.28 -20.84 8.15
C PRO A 165 13.33 -20.01 8.84
N GLU A 166 13.61 -20.32 10.11
CA GLU A 166 14.69 -19.57 10.78
C GLU A 166 15.93 -20.02 10.02
N GLY A 167 16.97 -19.22 9.87
CA GLY A 167 18.13 -19.71 9.12
C GLY A 167 17.97 -19.60 7.62
N ARG A 168 16.88 -19.04 7.13
CA ARG A 168 16.73 -18.89 5.68
C ARG A 168 17.89 -18.04 5.16
N THR A 169 18.42 -18.38 3.98
CA THR A 169 19.47 -17.59 3.37
C THR A 169 19.06 -17.14 1.96
N ASN A 170 17.86 -17.57 1.55
CA ASN A 170 17.40 -17.18 0.21
C ASN A 170 16.06 -16.46 0.30
N PHE A 171 16.14 -15.14 0.22
CA PHE A 171 14.98 -14.29 0.30
C PHE A 171 14.53 -13.85 -1.09
N ASP A 172 14.95 -14.52 -2.14
CA ASP A 172 14.47 -14.10 -3.49
C ASP A 172 12.97 -14.19 -3.58
N ASN A 173 12.34 -13.26 -4.31
CA ASN A 173 10.92 -13.24 -4.53
C ASN A 173 10.11 -13.13 -3.25
N ASP A 174 10.57 -12.28 -2.34
CA ASP A 174 9.91 -12.08 -1.06
C ASP A 174 8.73 -11.13 -1.18
N ILE A 175 7.64 -11.68 -1.66
CA ILE A 175 6.45 -10.84 -1.87
C ILE A 175 5.20 -11.70 -1.82
N ALA A 176 4.15 -11.14 -1.26
CA ALA A 176 2.87 -11.83 -1.16
C ALA A 176 1.77 -10.77 -1.17
N LEU A 177 0.59 -11.25 -1.53
CA LEU A 177 -0.56 -10.35 -1.50
C LEU A 177 -1.58 -10.97 -0.55
N VAL A 178 -2.29 -10.14 0.18
CA VAL A 178 -3.35 -10.60 1.05
C VAL A 178 -4.66 -9.99 0.56
N ARG A 179 -5.58 -10.85 0.18
CA ARG A 179 -6.89 -10.33 -0.23
C ARG A 179 -7.74 -10.22 1.02
N LEU A 180 -8.44 -9.12 1.21
CA LEU A 180 -9.26 -8.89 2.39
C LEU A 180 -10.71 -9.31 2.18
N LYS A 181 -11.40 -9.63 3.26
CA LYS A 181 -12.79 -10.06 3.19
C LYS A 181 -13.71 -8.89 2.87
N ASP A 182 -13.47 -7.76 3.51
CA ASP A 182 -14.28 -6.57 3.35
C ASP A 182 -13.43 -5.41 2.85
N PRO A 183 -14.04 -4.47 2.15
CA PRO A 183 -13.33 -3.31 1.63
C PRO A 183 -12.89 -2.41 2.76
N VAL A 184 -11.68 -1.87 2.67
CA VAL A 184 -11.17 -0.99 3.72
C VAL A 184 -11.68 0.43 3.49
N LYS A 185 -12.21 1.05 4.53
CA LYS A 185 -12.69 2.44 4.41
C LYS A 185 -11.51 3.39 4.50
N MET A 186 -11.34 4.26 3.51
CA MET A 186 -10.23 5.19 3.48
C MET A 186 -10.52 6.47 4.26
N GLY A 187 -9.48 7.08 4.79
CA GLY A 187 -9.62 8.29 5.58
C GLY A 187 -8.26 8.90 5.85
N PRO A 188 -8.21 9.86 6.77
CA PRO A 188 -6.98 10.54 7.09
C PRO A 188 -5.89 9.62 7.59
N THR A 189 -6.26 8.48 8.17
CA THR A 189 -5.24 7.57 8.68
C THR A 189 -5.11 6.29 7.89
N VAL A 190 -5.94 6.07 6.87
CA VAL A 190 -5.91 4.83 6.11
C VAL A 190 -6.10 5.11 4.61
N SER A 191 -5.12 4.82 3.79
CA SER A 191 -5.23 5.03 2.35
C SER A 191 -4.15 4.25 1.65
N PRO A 192 -4.33 3.83 0.42
CA PRO A 192 -3.39 3.01 -0.29
C PRO A 192 -2.20 3.76 -0.82
N ILE A 193 -1.13 3.02 -1.12
CA ILE A 193 0.06 3.55 -1.74
C ILE A 193 0.00 3.13 -3.21
N CYS A 194 0.58 3.86 -4.14
CA CYS A 194 0.55 3.45 -5.54
C CYS A 194 1.53 2.32 -5.84
N LEU A 195 1.37 1.67 -6.98
CA LEU A 195 2.31 0.64 -7.41
C LEU A 195 3.22 1.29 -8.48
N PRO A 196 4.36 0.71 -8.72
CA PRO A 196 5.27 1.18 -9.75
C PRO A 196 4.68 0.83 -11.12
N GLY A 197 5.05 1.60 -12.13
CA GLY A 197 4.60 1.29 -13.49
C GLY A 197 5.66 0.35 -14.07
N THR A 198 5.52 -0.11 -15.30
CA THR A 198 6.50 -1.01 -15.87
C THR A 198 7.49 -0.30 -16.77
N SER A 199 7.32 1.00 -17.01
CA SER A 199 8.27 1.72 -17.87
C SER A 199 9.60 1.92 -17.18
N SER A 200 10.62 2.28 -17.96
CA SER A 200 11.94 2.53 -17.46
C SER A 200 12.03 3.70 -16.51
N ASP A 201 11.00 4.53 -16.40
CA ASP A 201 10.91 5.63 -15.47
C ASP A 201 10.84 5.11 -14.03
N TYR A 202 10.52 3.84 -13.87
CA TYR A 202 10.46 3.19 -12.57
C TYR A 202 11.72 2.41 -12.28
N ASN A 203 12.80 2.65 -13.05
CA ASN A 203 14.05 1.97 -12.76
C ASN A 203 14.77 2.84 -11.72
N LEU A 204 14.99 2.30 -10.55
CA LEU A 204 15.66 3.05 -9.50
C LEU A 204 17.15 3.23 -9.81
N MET A 205 17.70 4.35 -9.36
CA MET A 205 19.11 4.62 -9.58
C MET A 205 19.78 4.84 -8.22
N ASP A 206 21.08 4.67 -8.19
CA ASP A 206 21.86 4.89 -6.98
C ASP A 206 21.56 6.30 -6.49
N GLY A 207 21.31 6.47 -5.20
CA GLY A 207 21.00 7.75 -4.62
C GLY A 207 19.53 8.08 -4.62
N ASP A 208 18.68 7.32 -5.31
CA ASP A 208 17.25 7.65 -5.28
C ASP A 208 16.77 7.55 -3.83
N LEU A 209 16.00 8.51 -3.37
CA LEU A 209 15.53 8.51 -1.99
C LEU A 209 14.16 7.88 -1.81
N GLY A 210 14.04 7.13 -0.72
CA GLY A 210 12.76 6.49 -0.42
C GLY A 210 12.52 6.59 1.09
N LEU A 211 11.29 6.39 1.50
CA LEU A 211 10.96 6.44 2.92
C LEU A 211 10.61 5.02 3.39
N ILE A 212 11.07 4.69 4.59
CA ILE A 212 10.71 3.38 5.16
C ILE A 212 9.94 3.70 6.43
N SER A 213 8.99 2.87 6.82
CA SER A 213 8.22 3.13 8.02
C SER A 213 7.89 1.79 8.68
N GLY A 214 7.77 1.79 10.01
CA GLY A 214 7.46 0.50 10.65
C GLY A 214 7.60 0.54 12.15
N TRP A 215 7.25 -0.59 12.76
CA TRP A 215 7.30 -0.71 14.23
C TRP A 215 8.38 -1.74 14.62
N GLY A 216 9.38 -1.88 13.78
CA GLY A 216 10.45 -2.82 14.09
C GLY A 216 11.38 -2.29 15.17
N ARG A 217 12.39 -3.14 15.40
CA ARG A 217 13.39 -2.83 16.40
C ARG A 217 14.05 -1.49 16.09
N THR A 218 14.35 -0.75 17.14
CA THR A 218 15.02 0.53 17.01
C THR A 218 16.37 0.42 17.75
N GLU A 219 17.12 1.51 17.76
CA GLU A 219 18.40 1.46 18.47
C GLU A 219 18.17 1.44 19.97
N LYS A 220 16.99 1.76 20.47
CA LYS A 220 16.68 1.80 21.87
C LYS A 220 15.66 0.78 22.36
N ARG A 221 14.97 0.08 21.48
CA ARG A 221 13.93 -0.85 21.97
C ARG A 221 13.78 -2.03 21.04
N ASP A 222 13.44 -3.21 21.57
CA ASP A 222 13.33 -4.42 20.75
C ASP A 222 12.31 -4.30 19.63
N ARG A 223 11.26 -3.57 19.90
CA ARG A 223 10.21 -3.27 18.94
C ARG A 223 9.72 -1.86 19.29
N ALA A 224 9.10 -1.19 18.32
CA ALA A 224 8.57 0.15 18.57
C ALA A 224 7.06 0.04 18.78
N VAL A 225 6.55 0.77 19.76
CA VAL A 225 5.11 0.77 20.03
C VAL A 225 4.47 1.78 19.08
N ARG A 226 5.19 2.84 18.79
CA ARG A 226 4.73 3.90 17.91
C ARG A 226 5.55 3.94 16.64
N LEU A 227 4.86 4.20 15.53
CA LEU A 227 5.51 4.20 14.24
C LEU A 227 6.74 5.06 14.09
N LYS A 228 7.75 4.52 13.43
CA LYS A 228 8.98 5.22 13.14
C LYS A 228 9.19 5.25 11.62
N ALA A 229 9.98 6.22 11.16
CA ALA A 229 10.28 6.31 9.75
C ALA A 229 11.64 6.94 9.50
N ALA A 230 12.15 6.69 8.31
CA ALA A 230 13.43 7.23 7.89
C ALA A 230 13.48 7.38 6.37
N ARG A 231 14.33 8.29 5.92
CA ARG A 231 14.51 8.48 4.48
C ARG A 231 15.86 7.93 4.13
N LEU A 232 15.97 7.00 3.20
CA LEU A 232 17.21 6.35 2.84
C LEU A 232 17.43 6.38 1.33
N PRO A 233 18.68 6.37 0.91
CA PRO A 233 19.02 6.33 -0.50
C PRO A 233 19.26 4.90 -0.98
N VAL A 234 18.92 4.66 -2.23
CA VAL A 234 19.22 3.40 -2.87
C VAL A 234 20.73 3.32 -3.08
N ALA A 235 21.28 2.12 -2.96
CA ALA A 235 22.70 1.89 -3.15
C ALA A 235 22.96 0.70 -4.04
N PRO A 236 24.16 0.63 -4.61
CA PRO A 236 24.54 -0.50 -5.44
C PRO A 236 24.44 -1.78 -4.60
N LEU A 237 24.05 -2.88 -5.22
CA LEU A 237 23.93 -4.17 -4.55
C LEU A 237 25.21 -4.60 -3.88
N ARG A 238 26.35 -4.26 -4.45
CA ARG A 238 27.65 -4.55 -3.90
C ARG A 238 27.77 -4.10 -2.45
N LYS A 239 27.25 -2.93 -2.10
CA LYS A 239 27.31 -2.43 -0.74
C LYS A 239 26.72 -3.40 0.26
N CYS A 240 25.58 -3.96 -0.07
CA CYS A 240 24.89 -4.95 0.78
C CYS A 240 25.70 -6.23 0.86
N LYS A 241 26.32 -6.65 -0.25
CA LYS A 241 27.15 -7.83 -0.32
C LYS A 241 28.43 -7.72 0.47
N GLU A 242 28.97 -6.52 0.64
CA GLU A 242 30.21 -6.32 1.36
C GLU A 242 30.04 -6.16 2.85
N VAL A 243 28.83 -6.28 3.39
CA VAL A 243 28.62 -6.15 4.82
C VAL A 243 29.11 -7.44 5.51
N ALA A 254 25.63 -19.41 1.22
CA ALA A 254 25.71 -17.96 1.59
C ALA A 254 24.38 -17.29 1.22
N TYR A 255 24.21 -16.03 1.61
CA TYR A 255 22.98 -15.34 1.29
C TYR A 255 22.88 -15.13 -0.21
N VAL A 256 21.65 -15.21 -0.70
CA VAL A 256 21.39 -15.03 -2.12
C VAL A 256 21.06 -13.55 -2.39
N PHE A 257 21.66 -13.00 -3.43
CA PHE A 257 21.44 -11.64 -3.86
C PHE A 257 21.00 -11.72 -5.32
N THR A 258 19.93 -11.04 -5.67
CA THR A 258 19.45 -11.11 -7.06
C THR A 258 19.00 -9.72 -7.48
N PRO A 259 18.72 -9.57 -8.77
CA PRO A 259 18.20 -8.34 -9.32
C PRO A 259 16.81 -8.04 -8.84
N ASN A 260 16.13 -8.96 -8.15
CA ASN A 260 14.80 -8.74 -7.60
C ASN A 260 14.87 -8.04 -6.25
N MET A 261 16.07 -7.62 -5.86
CA MET A 261 16.29 -6.95 -4.61
C MET A 261 16.92 -5.57 -4.83
N ILE A 262 16.48 -4.62 -4.04
CA ILE A 262 17.03 -3.27 -4.05
C ILE A 262 17.86 -3.17 -2.75
N CYS A 263 19.02 -2.54 -2.85
CA CYS A 263 19.84 -2.31 -1.67
C CYS A 263 19.66 -0.83 -1.31
N ALA A 264 19.47 -0.53 -0.04
CA ALA A 264 19.30 0.85 0.39
C ALA A 264 19.88 1.06 1.79
N GLY A 265 20.34 2.29 2.05
CA GLY A 265 20.87 2.58 3.37
C GLY A 265 22.31 3.10 3.26
N GLY A 266 23.09 2.76 4.28
CA GLY A 266 24.49 3.16 4.30
C GLY A 266 24.76 4.53 4.83
N GLU A 267 23.75 5.26 5.29
CA GLU A 267 23.95 6.61 5.78
C GLU A 267 23.34 6.85 7.16
N LYS A 268 24.13 7.46 8.03
CA LYS A 268 23.72 7.80 9.37
C LYS A 268 23.13 6.68 10.19
N GLY A 269 23.53 5.44 9.96
CA GLY A 269 23.03 4.29 10.66
C GLY A 269 21.55 4.06 10.50
N MET A 270 20.94 4.57 9.44
CA MET A 270 19.52 4.39 9.21
C MET A 270 19.29 3.11 8.40
N ASP A 271 18.35 2.29 8.87
CA ASP A 271 18.11 1.01 8.18
C ASP A 271 16.80 0.43 8.72
N SER A 272 16.25 -0.52 7.99
CA SER A 272 15.03 -1.18 8.49
C SER A 272 15.55 -2.32 9.38
N CYS A 273 14.77 -2.85 10.29
CA CYS A 273 15.29 -3.92 11.16
C CYS A 273 14.21 -4.96 11.40
N LYS A 274 14.49 -5.89 12.30
CA LYS A 274 13.51 -6.95 12.59
C LYS A 274 12.19 -6.35 13.04
N GLY A 275 11.10 -6.81 12.41
CA GLY A 275 9.79 -6.32 12.76
C GLY A 275 9.28 -5.31 11.73
N ASP A 276 10.17 -4.84 10.85
CA ASP A 276 9.72 -3.88 9.81
C ASP A 276 9.42 -4.59 8.50
N SER A 277 9.68 -5.89 8.38
CA SER A 277 9.52 -6.60 7.13
C SER A 277 8.12 -6.42 6.54
N GLY A 278 8.09 -6.32 5.22
CA GLY A 278 6.82 -6.19 4.53
C GLY A 278 6.38 -4.77 4.30
N GLY A 279 6.93 -3.80 5.03
CA GLY A 279 6.53 -2.41 4.85
C GLY A 279 7.06 -1.88 3.53
N ALA A 280 6.41 -0.83 3.01
CA ALA A 280 6.86 -0.30 1.73
C ALA A 280 8.01 0.70 1.84
N PHE A 281 8.87 0.61 0.84
CA PHE A 281 9.96 1.59 0.63
C PHE A 281 9.26 2.56 -0.36
N ALA A 282 8.75 3.64 0.19
CA ALA A 282 7.93 4.59 -0.56
C ALA A 282 8.76 5.63 -1.29
N VAL A 283 8.58 5.68 -2.61
CA VAL A 283 9.38 6.62 -3.42
C VAL A 283 8.46 7.61 -4.14
N GLN A 284 8.94 8.84 -4.34
CA GLN A 284 8.05 9.81 -5.02
C GLN A 284 7.82 9.36 -6.45
N ASP A 285 6.58 9.38 -6.92
CA ASP A 285 6.33 8.95 -8.29
C ASP A 285 7.06 9.90 -9.25
N PRO A 286 7.74 9.37 -10.25
CA PRO A 286 8.49 10.19 -11.20
C PRO A 286 7.62 11.08 -12.05
N ASN A 287 6.40 10.68 -12.35
CA ASN A 287 5.50 11.48 -13.15
C ASN A 287 4.66 12.44 -12.32
N ASP A 288 4.54 12.20 -11.03
CA ASP A 288 3.72 13.03 -10.14
C ASP A 288 4.35 13.13 -8.78
N LYS A 289 5.02 14.24 -8.54
CA LYS A 289 5.72 14.54 -7.32
C LYS A 289 4.88 14.57 -6.06
N THR A 290 3.58 14.63 -6.13
CA THR A 290 2.71 14.67 -4.97
C THR A 290 2.38 13.27 -4.46
N LYS A 291 2.65 12.23 -5.23
CA LYS A 291 2.31 10.88 -4.81
C LYS A 291 3.54 10.00 -4.58
N PHE A 292 3.32 8.98 -3.76
CA PHE A 292 4.37 8.01 -3.49
C PHE A 292 3.92 6.65 -4.02
N TYR A 293 4.86 5.82 -4.43
CA TYR A 293 4.54 4.49 -4.89
C TYR A 293 5.43 3.48 -4.12
N ALA A 294 5.00 2.24 -4.06
CA ALA A 294 5.78 1.22 -3.36
C ALA A 294 6.86 0.67 -4.28
N ALA A 295 8.07 1.21 -4.15
CA ALA A 295 9.17 0.76 -5.00
C ALA A 295 9.79 -0.54 -4.46
N GLY A 296 9.76 -0.66 -3.14
CA GLY A 296 10.33 -1.86 -2.53
C GLY A 296 9.51 -2.30 -1.33
N LEU A 297 9.81 -3.51 -0.83
CA LEU A 297 9.16 -4.01 0.39
C LEU A 297 10.30 -4.47 1.32
N VAL A 298 10.26 -4.05 2.56
CA VAL A 298 11.34 -4.50 3.47
C VAL A 298 11.47 -6.01 3.45
N SER A 299 12.66 -6.54 3.14
CA SER A 299 12.82 -7.99 3.05
C SER A 299 13.81 -8.53 4.09
N TRP A 300 15.06 -8.15 3.96
CA TRP A 300 16.03 -8.70 4.93
C TRP A 300 17.29 -7.85 4.89
N GLY A 301 18.23 -8.15 5.78
CA GLY A 301 19.48 -7.37 5.73
C GLY A 301 20.54 -8.16 6.52
N PRO A 302 21.77 -7.99 6.12
CA PRO A 302 22.87 -8.69 6.77
C PRO A 302 23.17 -8.22 8.17
N GLN A 303 22.98 -6.96 8.49
CA GLN A 303 23.27 -6.47 9.85
C GLN A 303 22.52 -5.18 10.10
N CYS A 304 21.69 -5.11 11.14
CA CYS A 304 20.93 -3.92 11.42
C CYS A 304 21.80 -2.68 11.56
N GLY A 305 21.43 -1.61 10.86
CA GLY A 305 22.14 -0.35 10.88
C GLY A 305 23.15 -0.18 9.77
N THR A 306 23.15 -1.04 8.76
CA THR A 306 24.06 -0.94 7.63
C THR A 306 23.30 -0.75 6.33
N TYR A 307 23.18 -1.78 5.53
CA TYR A 307 22.43 -1.71 4.27
C TYR A 307 21.33 -2.76 4.35
N GLY A 308 20.21 -2.52 3.71
CA GLY A 308 19.12 -3.51 3.81
C GLY A 308 18.67 -3.87 2.38
N LEU A 309 18.01 -5.00 2.26
CA LEU A 309 17.51 -5.47 0.98
C LEU A 309 15.99 -5.39 0.98
N TYR A 310 15.47 -4.92 -0.15
CA TYR A 310 14.03 -4.68 -0.31
C TYR A 310 13.58 -5.35 -1.59
N THR A 311 12.44 -6.05 -1.55
CA THR A 311 11.96 -6.69 -2.78
C THR A 311 11.64 -5.62 -3.81
N ARG A 312 12.12 -5.77 -5.03
CA ARG A 312 11.94 -4.73 -6.07
C ARG A 312 10.57 -4.91 -6.70
N VAL A 313 9.61 -4.14 -6.23
CA VAL A 313 8.23 -4.24 -6.62
C VAL A 313 8.01 -4.16 -8.11
N LYS A 314 8.75 -3.32 -8.82
CA LYS A 314 8.60 -3.22 -10.28
C LYS A 314 8.68 -4.55 -10.97
N ASN A 315 9.51 -5.48 -10.52
CA ASN A 315 9.68 -6.79 -11.10
C ASN A 315 8.51 -7.74 -10.91
N TYR A 316 7.54 -7.38 -10.08
CA TYR A 316 6.40 -8.20 -9.75
C TYR A 316 5.07 -7.58 -10.13
N VAL A 317 5.12 -6.42 -10.79
CA VAL A 317 3.87 -5.75 -11.16
C VAL A 317 2.96 -6.61 -12.00
N ASP A 318 3.49 -7.36 -12.96
CA ASP A 318 2.66 -8.23 -13.78
C ASP A 318 1.93 -9.27 -12.94
N TRP A 319 2.67 -9.93 -12.02
CA TRP A 319 2.06 -10.92 -11.14
C TRP A 319 1.06 -10.29 -10.19
N ILE A 320 1.34 -9.09 -9.69
CA ILE A 320 0.43 -8.41 -8.77
C ILE A 320 -0.87 -8.09 -9.49
N MET A 321 -0.73 -7.51 -10.69
CA MET A 321 -1.96 -7.17 -11.43
C MET A 321 -2.76 -8.40 -11.81
N LYS A 322 -2.10 -9.47 -12.23
CA LYS A 322 -2.77 -10.70 -12.63
C LYS A 322 -3.50 -11.31 -11.45
N THR A 323 -2.80 -11.36 -10.30
CA THR A 323 -3.42 -11.92 -9.10
C THR A 323 -4.65 -11.16 -8.68
N MET A 324 -4.62 -9.83 -8.73
CA MET A 324 -5.76 -9.04 -8.34
C MET A 324 -6.90 -9.20 -9.33
N GLN A 325 -6.58 -9.23 -10.61
CA GLN A 325 -7.61 -9.34 -11.63
C GLN A 325 -8.32 -10.67 -11.60
N GLU A 326 -7.58 -11.76 -11.42
CA GLU A 326 -8.13 -13.10 -11.40
C GLU A 326 -8.81 -13.46 -10.10
N ASN A 327 -8.63 -12.65 -9.06
CA ASN A 327 -9.24 -12.87 -7.76
C ASN A 327 -10.09 -11.70 -7.32
N SER A 328 -10.81 -11.12 -8.26
CA SER A 328 -11.70 -10.00 -8.00
C SER A 328 -13.15 -10.45 -7.98
#